data_6XCT
#
_entry.id   6XCT
#
_cell.length_a   66.130
_cell.length_b   66.130
_cell.length_c   288.082
_cell.angle_alpha   90.000
_cell.angle_beta   90.000
_cell.angle_gamma   120.000
#
_symmetry.space_group_name_H-M   'P 65 2 2'
#
loop_
_entity.id
_entity.type
_entity.pdbx_description
1 polymer 'Pepsin A'
2 non-polymer '{3-[(4-AMINO-BENZENESULFONYL)-ISOBUTYL-AMINO]-1-BENZYL-2-HYDROXY-PROPYL}-CARBAMIC ACID TETRAHYDRO-FURAN-3-YL ESTER'
3 water water
#
_entity_poly.entity_id   1
_entity_poly.type   'polypeptide(L)'
_entity_poly.pdbx_seq_one_letter_code
;IGDEPLENYLDTEYFGTIGIGTPAQDFTVIFDTGSSNLWVPSVYCSSLACSDHNQFNPDDSSTFEAT(SEP)QELSITYG
TGSMTGILGYDTVQVGGISDTNQIFGLSETEPGSFLYYAPFDGILGLAYPSISASGATPVFDNLWDQGLVSQDLFSVYLS
SNDDSGSVVLLGGIDSSYYTGSLNWVPVSVEGYWQITLDSITMDGETIACSGGCQAIVDTGTSLLTGPTSAIANIQSDIG
ASENSDGEMVISCSSIDSLPDIVFTINGVQYPLSPSAYILQDDDSCTSGFEGMDVPTSSGELWILGDVFIRQYYTVFDRA
NNKVGLAPVA
;
_entity_poly.pdbx_strand_id   A
#
loop_
_chem_comp.id
_chem_comp.type
_chem_comp.name
_chem_comp.formula
478 non-polymer '{3-[(4-AMINO-BENZENESULFONYL)-ISOBUTYL-AMINO]-1-BENZYL-2-HYDROXY-PROPYL}-CARBAMIC ACID TETRAHYDRO-FURAN-3-YL ESTER' 'C25 H35 N3 O6 S'
#
# COMPACT_ATOMS: atom_id res chain seq x y z
N ILE A 1 -5.22 -13.98 -16.10
CA ILE A 1 -4.19 -13.16 -15.36
C ILE A 1 -4.41 -11.72 -15.77
N GLY A 2 -4.47 -10.82 -14.81
CA GLY A 2 -4.77 -9.41 -15.07
C GLY A 2 -3.63 -8.50 -14.68
N ASP A 3 -3.36 -7.53 -15.54
CA ASP A 3 -2.30 -6.55 -15.37
C ASP A 3 -2.92 -5.17 -15.11
N GLU A 4 -2.73 -4.63 -13.91
CA GLU A 4 -3.15 -3.26 -13.63
C GLU A 4 -1.94 -2.34 -13.60
N PRO A 5 -1.72 -1.51 -14.62
CA PRO A 5 -0.61 -0.56 -14.56
C PRO A 5 -0.85 0.44 -13.46
N LEU A 6 0.24 0.85 -12.80
CA LEU A 6 0.19 1.92 -11.81
C LEU A 6 1.03 3.11 -12.26
N GLU A 7 0.50 4.32 -12.05
CA GLU A 7 1.28 5.54 -12.20
C GLU A 7 2.18 5.69 -10.97
N ASN A 8 3.45 5.95 -11.19
CA ASN A 8 4.37 6.27 -10.12
C ASN A 8 4.34 7.78 -9.93
N TYR A 9 3.68 8.24 -8.87
CA TYR A 9 3.57 9.67 -8.58
C TYR A 9 4.68 10.05 -7.61
N LEU A 10 5.76 10.60 -8.17
CA LEU A 10 6.86 11.19 -7.38
C LEU A 10 7.44 10.19 -6.37
N ASP A 11 7.43 8.91 -6.72
CA ASP A 11 7.92 7.85 -5.81
C ASP A 11 7.21 7.89 -4.46
N THR A 12 6.03 8.46 -4.40
CA THR A 12 5.30 8.63 -3.16
C THR A 12 3.94 7.94 -3.14
N GLU A 13 3.25 7.93 -4.26
CA GLU A 13 1.95 7.30 -4.36
C GLU A 13 1.90 6.54 -5.67
N TYR A 14 1.33 5.34 -5.62
CA TYR A 14 1.17 4.49 -6.79
C TYR A 14 -0.32 4.18 -6.93
N PHE A 15 -0.92 4.70 -8.00
CA PHE A 15 -2.35 4.53 -8.24
C PHE A 15 -2.58 4.12 -9.69
N GLY A 16 -3.69 3.41 -9.92
CA GLY A 16 -4.08 3.03 -11.25
C GLY A 16 -5.54 3.37 -11.50
N THR A 17 -5.93 3.23 -12.76
CA THR A 17 -7.28 3.56 -13.19
C THR A 17 -8.17 2.34 -13.07
N ILE A 18 -9.38 2.55 -12.59
CA ILE A 18 -10.43 1.53 -12.63
C ILE A 18 -11.67 2.18 -13.25
N GLY A 19 -12.55 1.32 -13.76
CA GLY A 19 -13.88 1.75 -14.23
C GLY A 19 -14.95 1.15 -13.34
N ILE A 20 -15.98 1.94 -13.02
CA ILE A 20 -17.10 1.48 -12.22
C ILE A 20 -18.38 1.82 -12.97
N GLY A 21 -19.27 0.84 -13.14
CA GLY A 21 -20.58 1.06 -13.69
C GLY A 21 -20.70 0.67 -15.16
N THR A 22 -21.93 0.76 -15.65
CA THR A 22 -22.21 0.53 -17.07
C THR A 22 -22.96 1.72 -17.65
N PRO A 23 -22.35 2.52 -18.54
CA PRO A 23 -20.96 2.41 -19.03
C PRO A 23 -19.99 2.77 -17.90
N ALA A 24 -18.71 2.49 -18.11
CA ALA A 24 -17.73 2.66 -17.05
C ALA A 24 -17.49 4.15 -16.78
N GLN A 25 -17.50 4.51 -15.50
CA GLN A 25 -16.98 5.79 -15.03
C GLN A 25 -15.60 5.54 -14.44
N ASP A 26 -14.61 6.35 -14.82
CA ASP A 26 -13.22 6.06 -14.54
C ASP A 26 -12.77 6.80 -13.28
N PHE A 27 -11.91 6.14 -12.51
CA PHE A 27 -11.34 6.70 -11.29
C PHE A 27 -9.90 6.22 -11.15
N THR A 28 -9.07 7.04 -10.51
CA THR A 28 -7.74 6.62 -10.06
C THR A 28 -7.85 6.22 -8.59
N VAL A 29 -7.25 5.08 -8.25
CA VAL A 29 -7.29 4.58 -6.88
C VAL A 29 -5.90 4.11 -6.48
N ILE A 30 -5.54 4.39 -5.23
CA ILE A 30 -4.36 3.78 -4.65
C ILE A 30 -4.62 2.29 -4.48
N PHE A 31 -3.72 1.46 -4.99
CA PHE A 31 -3.75 0.03 -4.69
C PHE A 31 -3.00 -0.20 -3.40
N ASP A 32 -3.77 -0.43 -2.34
CA ASP A 32 -3.32 -0.28 -0.95
C ASP A 32 -3.34 -1.62 -0.20
N THR A 33 -2.17 -2.24 -0.07
CA THR A 33 -2.10 -3.50 0.66
C THR A 33 -2.18 -3.33 2.16
N GLY A 34 -2.33 -2.09 2.64
CA GLY A 34 -2.56 -1.80 4.04
C GLY A 34 -3.99 -1.52 4.44
N SER A 35 -4.95 -1.71 3.53
CA SER A 35 -6.36 -1.63 3.87
C SER A 35 -7.10 -2.58 2.95
N SER A 36 -8.43 -2.66 3.13
CA SER A 36 -9.21 -3.69 2.43
C SER A 36 -10.47 -3.19 1.75
N ASN A 37 -10.88 -1.95 1.98
CA ASN A 37 -12.08 -1.41 1.36
C ASN A 37 -11.76 -0.79 0.00
N LEU A 38 -12.73 -0.91 -0.92
CA LEU A 38 -12.74 -0.10 -2.13
C LEU A 38 -13.77 1.00 -1.95
N TRP A 39 -13.38 2.23 -2.25
CA TRP A 39 -14.33 3.35 -2.25
C TRP A 39 -13.84 4.43 -3.20
N VAL A 40 -14.80 5.19 -3.73
CA VAL A 40 -14.51 6.33 -4.59
C VAL A 40 -15.43 7.45 -4.18
N PRO A 41 -15.10 8.69 -4.54
CA PRO A 41 -16.03 9.80 -4.29
C PRO A 41 -17.30 9.58 -5.07
N SER A 42 -18.39 10.18 -4.56
CA SER A 42 -19.69 10.08 -5.23
C SER A 42 -20.39 11.43 -5.25
N VAL A 43 -21.44 11.51 -6.06
CA VAL A 43 -22.27 12.71 -6.14
C VAL A 43 -23.00 13.00 -4.85
N TYR A 44 -22.99 12.07 -3.89
CA TYR A 44 -23.60 12.30 -2.59
C TYR A 44 -22.68 13.04 -1.63
N CYS A 45 -21.49 13.44 -2.06
CA CYS A 45 -20.50 14.02 -1.18
C CYS A 45 -20.27 15.48 -1.55
N SER A 46 -20.31 16.34 -0.54
CA SER A 46 -20.09 17.77 -0.71
C SER A 46 -18.76 18.23 -0.09
N SER A 47 -17.93 17.30 0.39
CA SER A 47 -16.65 17.68 0.96
C SER A 47 -15.77 18.28 -0.12
N LEU A 48 -14.85 19.14 0.30
CA LEU A 48 -13.94 19.76 -0.66
C LEU A 48 -13.18 18.71 -1.47
N ALA A 49 -12.68 17.67 -0.81
CA ALA A 49 -11.93 16.63 -1.53
C ALA A 49 -12.79 15.94 -2.58
N CYS A 50 -14.09 15.80 -2.31
CA CYS A 50 -14.99 15.24 -3.30
C CYS A 50 -15.18 16.21 -4.47
N SER A 51 -15.21 17.50 -4.18
CA SER A 51 -15.44 18.48 -5.23
C SER A 51 -14.26 18.55 -6.22
N ASP A 52 -13.06 18.20 -5.79
CA ASP A 52 -11.90 18.24 -6.69
C ASP A 52 -11.40 16.86 -7.10
N HIS A 53 -12.30 15.87 -7.09
CA HIS A 53 -12.00 14.56 -7.63
C HIS A 53 -13.18 14.03 -8.41
N ASN A 54 -12.95 12.97 -9.20
CA ASN A 54 -14.04 12.34 -9.94
C ASN A 54 -15.07 11.79 -8.97
N GLN A 55 -16.35 11.98 -9.30
CA GLN A 55 -17.46 11.58 -8.44
C GLN A 55 -18.33 10.56 -9.17
N PHE A 56 -18.52 9.41 -8.54
CA PHE A 56 -19.34 8.35 -9.11
C PHE A 56 -20.81 8.76 -9.06
N ASN A 57 -21.51 8.56 -10.16
CA ASN A 57 -22.93 8.87 -10.29
C ASN A 57 -23.69 7.57 -10.52
N PRO A 58 -24.28 6.98 -9.48
CA PRO A 58 -25.00 5.72 -9.70
C PRO A 58 -26.18 5.84 -10.65
N ASP A 59 -26.76 7.04 -10.74
CA ASP A 59 -27.91 7.27 -11.64
C ASP A 59 -27.57 6.94 -13.09
N ASP A 60 -26.30 6.98 -13.47
CA ASP A 60 -25.90 6.78 -14.86
C ASP A 60 -25.40 5.37 -15.14
N SER A 61 -25.50 4.46 -14.17
CA SER A 61 -25.04 3.10 -14.33
C SER A 61 -26.22 2.14 -14.30
N SER A 62 -26.36 1.35 -15.36
CA SER A 62 -27.48 0.42 -15.46
C SER A 62 -27.26 -0.84 -14.63
N THR A 63 -26.04 -1.05 -14.11
CA THR A 63 -25.73 -2.22 -13.31
C THR A 63 -25.58 -1.92 -11.82
N PHE A 64 -25.76 -0.67 -11.41
CA PHE A 64 -25.64 -0.33 -10.00
C PHE A 64 -26.79 -0.96 -9.21
N GLU A 65 -26.47 -1.43 -8.01
CA GLU A 65 -27.48 -1.90 -7.06
C GLU A 65 -27.21 -1.24 -5.72
N ALA A 66 -28.19 -0.50 -5.20
CA ALA A 66 -28.03 0.20 -3.95
C ALA A 66 -28.15 -0.74 -2.76
N THR A 67 -27.58 -0.33 -1.64
CA THR A 67 -27.74 -1.01 -0.37
C THR A 67 -28.09 0.07 0.67
N SEP A 68 -28.43 -0.36 1.88
CA SEP A 68 -28.68 0.56 2.97
CB SEP A 68 -30.01 0.23 3.64
OG SEP A 68 -30.01 -1.08 4.17
C SEP A 68 -27.55 0.52 4.00
O SEP A 68 -27.71 1.01 5.12
P SEP A 68 -31.50 -1.59 4.52
O1P SEP A 68 -31.58 -1.90 6.10
O2P SEP A 68 -32.58 -0.45 4.12
O3P SEP A 68 -31.83 -2.93 3.69
HB2 SEP A 68 -30.72 0.30 2.98
HB3 SEP A 68 -30.17 0.86 4.36
N GLN A 69 -26.42 -0.07 3.63
CA GLN A 69 -25.30 -0.20 4.54
C GLN A 69 -24.38 1.02 4.49
N GLU A 70 -24.11 1.59 5.64
CA GLU A 70 -23.22 2.73 5.76
C GLU A 70 -21.77 2.27 5.96
N LEU A 71 -20.84 3.17 5.70
CA LEU A 71 -19.43 2.91 5.74
C LEU A 71 -18.69 4.07 6.37
N SER A 72 -17.70 3.76 7.21
CA SER A 72 -16.80 4.78 7.74
C SER A 72 -15.40 4.19 7.89
N ILE A 73 -14.39 4.92 7.42
CA ILE A 73 -13.01 4.46 7.52
C ILE A 73 -12.13 5.60 7.99
N THR A 74 -11.24 5.29 8.94
CA THR A 74 -10.19 6.20 9.37
C THR A 74 -8.85 5.64 8.97
N TYR A 75 -8.10 6.37 8.14
CA TYR A 75 -6.75 6.01 7.76
C TYR A 75 -5.74 6.73 8.66
N GLY A 76 -4.47 6.34 8.50
CA GLY A 76 -3.39 7.06 9.19
C GLY A 76 -3.50 8.55 9.01
N THR A 77 -3.72 8.98 7.77
CA THR A 77 -4.07 10.36 7.42
C THR A 77 -5.24 10.29 6.46
N GLY A 78 -6.29 11.05 6.72
CA GLY A 78 -7.48 10.99 5.92
C GLY A 78 -8.55 10.08 6.52
N SER A 79 -9.78 10.27 6.06
CA SER A 79 -10.92 9.48 6.55
C SER A 79 -12.06 9.72 5.58
N MET A 80 -13.07 8.84 5.64
CA MET A 80 -14.25 9.01 4.82
C MET A 80 -15.44 8.38 5.53
N THR A 81 -16.62 8.82 5.12
CA THR A 81 -17.87 8.13 5.39
C THR A 81 -18.61 8.02 4.07
N GLY A 82 -19.53 7.06 4.01
CA GLY A 82 -20.32 6.89 2.80
C GLY A 82 -21.31 5.76 2.92
N ILE A 83 -21.78 5.31 1.77
CA ILE A 83 -22.79 4.27 1.65
C ILE A 83 -22.23 3.24 0.70
N LEU A 84 -22.54 1.98 0.97
CA LEU A 84 -22.10 0.87 0.12
C LEU A 84 -23.09 0.63 -1.00
N GLY A 85 -22.54 0.25 -2.15
CA GLY A 85 -23.35 -0.16 -3.30
C GLY A 85 -22.61 -1.23 -4.07
N TYR A 86 -23.30 -1.84 -5.01
CA TYR A 86 -22.76 -2.88 -5.87
C TYR A 86 -22.72 -2.39 -7.32
N ASP A 87 -21.64 -2.72 -8.02
CA ASP A 87 -21.56 -2.46 -9.46
C ASP A 87 -20.42 -3.29 -10.03
N THR A 88 -20.26 -3.23 -11.34
CA THR A 88 -19.17 -3.88 -12.04
C THR A 88 -17.95 -2.96 -12.03
N VAL A 89 -16.82 -3.50 -11.59
CA VAL A 89 -15.56 -2.75 -11.53
C VAL A 89 -14.63 -3.38 -12.55
N GLN A 90 -14.15 -2.58 -13.50
CA GLN A 90 -13.11 -2.98 -14.44
C GLN A 90 -11.76 -2.69 -13.80
N VAL A 91 -10.99 -3.74 -13.53
CA VAL A 91 -9.68 -3.59 -12.90
C VAL A 91 -8.72 -4.61 -13.50
N GLY A 92 -7.57 -4.11 -13.96
CA GLY A 92 -6.55 -4.98 -14.55
C GLY A 92 -7.01 -5.80 -15.72
N GLY A 93 -7.96 -5.30 -16.49
CA GLY A 93 -8.53 -6.04 -17.58
C GLY A 93 -9.59 -7.03 -17.19
N ILE A 94 -9.94 -7.11 -15.91
CA ILE A 94 -10.91 -8.07 -15.40
C ILE A 94 -12.22 -7.35 -15.14
N SER A 95 -13.33 -7.98 -15.55
CA SER A 95 -14.67 -7.47 -15.24
C SER A 95 -15.11 -8.04 -13.90
N ASP A 96 -14.88 -7.27 -12.85
CA ASP A 96 -15.20 -7.64 -11.48
C ASP A 96 -16.67 -7.30 -11.24
N THR A 97 -17.55 -8.24 -11.58
CA THR A 97 -18.97 -8.06 -11.43
C THR A 97 -19.36 -8.18 -9.96
N ASN A 98 -20.48 -7.55 -9.62
CA ASN A 98 -21.09 -7.73 -8.30
C ASN A 98 -20.13 -7.33 -7.19
N GLN A 99 -19.43 -6.21 -7.39
CA GLN A 99 -18.45 -5.72 -6.43
C GLN A 99 -19.08 -4.67 -5.52
N ILE A 100 -19.05 -4.90 -4.23
CA ILE A 100 -19.50 -3.91 -3.26
C ILE A 100 -18.40 -2.89 -3.04
N PHE A 101 -18.78 -1.62 -2.92
CA PHE A 101 -17.81 -0.55 -2.77
C PHE A 101 -18.48 0.65 -2.13
N GLY A 102 -17.65 1.54 -1.59
CA GLY A 102 -18.14 2.71 -0.89
C GLY A 102 -18.31 3.89 -1.83
N LEU A 103 -19.47 4.52 -1.74
CA LEU A 103 -19.74 5.81 -2.38
C LEU A 103 -19.59 6.88 -1.30
N SER A 104 -18.56 7.72 -1.43
CA SER A 104 -18.24 8.63 -0.34
C SER A 104 -19.37 9.63 -0.14
N GLU A 105 -19.64 9.95 1.12
CA GLU A 105 -20.51 11.09 1.44
C GLU A 105 -19.77 12.18 2.20
N THR A 106 -18.68 11.85 2.90
CA THR A 106 -17.79 12.87 3.45
C THR A 106 -16.36 12.42 3.22
N GLU A 107 -15.48 13.39 2.95
CA GLU A 107 -14.04 13.15 2.83
C GLU A 107 -13.34 14.38 3.39
N PRO A 108 -13.30 14.49 4.71
CA PRO A 108 -12.73 15.70 5.33
C PRO A 108 -11.21 15.71 5.25
N GLY A 109 -10.66 16.91 5.35
CA GLY A 109 -9.24 17.06 5.54
C GLY A 109 -8.52 17.45 4.27
N SER A 110 -7.32 18.02 4.47
CA SER A 110 -6.53 18.53 3.36
C SER A 110 -5.82 17.41 2.59
N PHE A 111 -5.46 16.32 3.25
CA PHE A 111 -4.68 15.29 2.58
C PHE A 111 -5.41 14.79 1.33
N LEU A 112 -6.67 14.37 1.50
CA LEU A 112 -7.43 13.87 0.36
C LEU A 112 -7.72 14.97 -0.66
N TYR A 113 -7.74 16.24 -0.23
CA TYR A 113 -7.97 17.32 -1.18
C TYR A 113 -6.81 17.49 -2.14
N TYR A 114 -5.59 17.41 -1.63
CA TYR A 114 -4.39 17.63 -2.43
C TYR A 114 -3.86 16.37 -3.07
N ALA A 115 -4.39 15.22 -2.71
CA ALA A 115 -3.94 13.96 -3.30
C ALA A 115 -4.41 13.85 -4.75
N PRO A 116 -3.57 13.33 -5.64
CA PRO A 116 -3.99 13.23 -7.05
C PRO A 116 -5.00 12.12 -7.31
N PHE A 117 -5.10 11.12 -6.43
CA PHE A 117 -5.98 9.98 -6.67
C PHE A 117 -7.39 10.28 -6.17
N ASP A 118 -8.38 9.60 -6.78
CA ASP A 118 -9.78 9.78 -6.38
C ASP A 118 -10.14 8.92 -5.17
N GLY A 119 -9.74 7.65 -5.16
CA GLY A 119 -10.13 6.76 -4.08
C GLY A 119 -9.10 5.71 -3.76
N ILE A 120 -9.52 4.66 -3.08
CA ILE A 120 -8.61 3.64 -2.52
C ILE A 120 -9.18 2.27 -2.83
N LEU A 121 -8.31 1.36 -3.26
CA LEU A 121 -8.67 -0.03 -3.52
C LEU A 121 -7.78 -0.87 -2.61
N GLY A 122 -8.34 -1.33 -1.49
CA GLY A 122 -7.57 -2.07 -0.53
C GLY A 122 -7.36 -3.51 -0.97
N LEU A 123 -6.19 -4.04 -0.64
CA LEU A 123 -5.77 -5.36 -1.06
C LEU A 123 -5.42 -6.27 0.12
N ALA A 124 -5.86 -5.92 1.31
CA ALA A 124 -5.59 -6.70 2.51
C ALA A 124 -6.75 -7.65 2.83
N TYR A 125 -6.79 -8.19 4.06
CA TYR A 125 -7.71 -9.26 4.40
C TYR A 125 -9.10 -8.73 4.76
N PRO A 126 -10.13 -9.57 4.61
CA PRO A 126 -11.49 -9.10 4.94
C PRO A 126 -11.68 -8.69 6.39
N SER A 127 -10.87 -9.22 7.30
CA SER A 127 -11.08 -8.95 8.72
C SER A 127 -10.85 -7.49 9.09
N ILE A 128 -10.17 -6.71 8.26
CA ILE A 128 -10.00 -5.29 8.55
C ILE A 128 -10.80 -4.40 7.60
N SER A 129 -11.74 -4.98 6.85
CA SER A 129 -12.57 -4.19 5.96
C SER A 129 -13.72 -3.56 6.75
N ALA A 130 -13.87 -2.26 6.63
CA ALA A 130 -14.96 -1.57 7.31
C ALA A 130 -16.31 -2.07 6.81
N SER A 131 -17.25 -2.25 7.75
CA SER A 131 -18.58 -2.78 7.49
C SER A 131 -18.53 -4.17 6.86
N GLY A 132 -17.41 -4.86 6.98
CA GLY A 132 -17.32 -6.19 6.40
C GLY A 132 -17.46 -6.23 4.90
N ALA A 133 -17.20 -5.11 4.23
CA ALA A 133 -17.34 -5.08 2.78
C ALA A 133 -16.34 -6.03 2.12
N THR A 134 -16.83 -6.84 1.20
CA THR A 134 -15.98 -7.78 0.50
C THR A 134 -14.86 -7.03 -0.24
N PRO A 135 -13.60 -7.31 0.05
CA PRO A 135 -12.51 -6.69 -0.72
C PRO A 135 -12.52 -7.13 -2.16
N VAL A 136 -11.96 -6.29 -3.03
CA VAL A 136 -11.95 -6.59 -4.46
C VAL A 136 -11.31 -7.95 -4.74
N PHE A 137 -10.13 -8.21 -4.17
CA PHE A 137 -9.45 -9.45 -4.53
C PHE A 137 -10.20 -10.67 -4.01
N ASP A 138 -10.88 -10.54 -2.87
CA ASP A 138 -11.75 -11.61 -2.38
C ASP A 138 -12.88 -11.87 -3.35
N ASN A 139 -13.45 -10.82 -3.90
CA ASN A 139 -14.56 -10.98 -4.86
C ASN A 139 -14.08 -11.59 -6.17
N LEU A 140 -12.87 -11.21 -6.60
CA LEU A 140 -12.30 -11.83 -7.79
C LEU A 140 -12.15 -13.32 -7.60
N TRP A 141 -11.56 -13.73 -6.48
CA TRP A 141 -11.35 -15.14 -6.20
C TRP A 141 -12.67 -15.87 -6.04
N ASP A 142 -13.60 -15.29 -5.28
CA ASP A 142 -14.92 -15.90 -5.09
C ASP A 142 -15.60 -16.22 -6.41
N GLN A 143 -15.41 -15.38 -7.41
CA GLN A 143 -16.05 -15.54 -8.71
C GLN A 143 -15.19 -16.29 -9.71
N GLY A 144 -14.05 -16.82 -9.29
CA GLY A 144 -13.20 -17.55 -10.21
C GLY A 144 -12.60 -16.70 -11.29
N LEU A 145 -12.46 -15.37 -11.06
CA LEU A 145 -11.91 -14.50 -12.08
C LEU A 145 -10.39 -14.52 -12.12
N VAL A 146 -9.72 -15.02 -11.10
CA VAL A 146 -8.32 -15.39 -11.19
C VAL A 146 -8.20 -16.87 -10.83
N SER A 147 -7.29 -17.58 -11.49
CA SER A 147 -7.10 -19.00 -11.26
C SER A 147 -6.24 -19.28 -10.03
N GLN A 148 -5.25 -18.43 -9.76
CA GLN A 148 -4.41 -18.53 -8.58
C GLN A 148 -4.76 -17.41 -7.62
N ASP A 149 -4.86 -17.75 -6.34
CA ASP A 149 -5.36 -16.84 -5.31
C ASP A 149 -4.22 -15.99 -4.74
N LEU A 150 -3.60 -15.23 -5.66
CA LEU A 150 -2.47 -14.41 -5.27
C LEU A 150 -2.37 -13.25 -6.26
N PHE A 151 -1.64 -12.23 -5.84
CA PHE A 151 -1.29 -11.12 -6.72
C PHE A 151 0.11 -10.64 -6.36
N SER A 152 0.79 -10.02 -7.32
CA SER A 152 2.14 -9.51 -7.09
C SER A 152 2.22 -8.05 -7.48
N VAL A 153 3.19 -7.36 -6.89
CA VAL A 153 3.32 -5.92 -7.08
C VAL A 153 4.77 -5.56 -7.38
N TYR A 154 4.95 -4.86 -8.48
CA TYR A 154 6.23 -4.23 -8.82
C TYR A 154 6.03 -2.73 -8.77
N LEU A 155 6.80 -2.04 -7.91
CA LEU A 155 6.79 -0.59 -7.82
C LEU A 155 8.08 -0.04 -8.39
N SER A 156 7.96 0.85 -9.39
CA SER A 156 9.13 1.39 -10.07
C SER A 156 9.84 2.44 -9.24
N SER A 157 11.07 2.75 -9.64
CA SER A 157 11.88 3.77 -8.99
C SER A 157 12.08 4.95 -9.93
N ASN A 158 12.58 6.05 -9.36
CA ASN A 158 12.95 7.25 -10.12
C ASN A 158 11.79 7.74 -11.00
N ASP A 159 10.58 7.68 -10.46
CA ASP A 159 9.40 8.20 -11.16
C ASP A 159 9.19 7.53 -12.52
N ASP A 160 9.68 6.32 -12.69
CA ASP A 160 9.60 5.64 -13.95
C ASP A 160 8.22 4.99 -14.18
N SER A 161 7.90 4.76 -15.45
CA SER A 161 6.76 3.93 -15.82
C SER A 161 7.06 2.46 -15.53
N GLY A 162 6.01 1.65 -15.52
CA GLY A 162 6.18 0.21 -15.44
C GLY A 162 5.67 -0.46 -14.20
N SER A 163 5.31 0.29 -13.16
CA SER A 163 4.75 -0.31 -11.97
C SER A 163 3.47 -1.06 -12.34
N VAL A 164 3.21 -2.18 -11.67
CA VAL A 164 2.04 -3.00 -12.00
C VAL A 164 1.59 -3.77 -10.77
N VAL A 165 0.30 -4.02 -10.71
CA VAL A 165 -0.27 -5.08 -9.88
C VAL A 165 -0.68 -6.19 -10.84
N LEU A 166 -0.12 -7.38 -10.63
CA LEU A 166 -0.40 -8.53 -11.49
C LEU A 166 -1.36 -9.42 -10.73
N LEU A 167 -2.61 -9.42 -11.17
CA LEU A 167 -3.67 -10.15 -10.48
C LEU A 167 -3.68 -11.59 -10.96
N GLY A 168 -3.41 -12.52 -10.04
CA GLY A 168 -3.40 -13.94 -10.35
C GLY A 168 -2.10 -14.47 -10.89
N GLY A 169 -1.01 -13.70 -10.82
CA GLY A 169 0.22 -14.14 -11.45
C GLY A 169 1.47 -13.66 -10.74
N ILE A 170 2.56 -14.35 -11.04
CA ILE A 170 3.90 -13.99 -10.65
C ILE A 170 4.74 -13.95 -11.92
N ASP A 171 5.54 -12.89 -12.09
CA ASP A 171 6.29 -12.66 -13.32
C ASP A 171 7.75 -12.46 -12.97
N SER A 172 8.59 -13.46 -13.30
CA SER A 172 10.00 -13.44 -12.88
C SER A 172 10.84 -12.45 -13.68
N SER A 173 10.28 -11.79 -14.70
CA SER A 173 11.02 -10.74 -15.37
C SER A 173 11.20 -9.53 -14.47
N TYR A 174 10.40 -9.42 -13.40
CA TYR A 174 10.50 -8.29 -12.48
C TYR A 174 11.47 -8.49 -11.33
N TYR A 175 12.04 -9.68 -11.16
CA TYR A 175 12.96 -9.95 -10.06
C TYR A 175 14.09 -10.86 -10.51
N THR A 176 15.08 -11.00 -9.64
CA THR A 176 16.15 -11.98 -9.79
C THR A 176 16.24 -12.75 -8.48
N GLY A 177 17.05 -13.81 -8.50
CA GLY A 177 17.09 -14.68 -7.36
C GLY A 177 15.80 -15.47 -7.27
N SER A 178 15.62 -16.13 -6.14
CA SER A 178 14.46 -16.96 -5.88
C SER A 178 13.57 -16.27 -4.85
N LEU A 179 12.26 -16.38 -5.05
CA LEU A 179 11.32 -15.85 -4.07
C LEU A 179 11.53 -16.54 -2.74
N ASN A 180 11.58 -15.76 -1.67
CA ASN A 180 11.55 -16.28 -0.31
C ASN A 180 10.20 -15.98 0.28
N TRP A 181 9.62 -16.95 0.98
CA TRP A 181 8.24 -16.86 1.46
C TRP A 181 8.21 -16.62 2.96
N VAL A 182 7.39 -15.67 3.38
CA VAL A 182 7.28 -15.22 4.76
C VAL A 182 5.85 -15.50 5.22
N PRO A 183 5.65 -16.29 6.28
CA PRO A 183 4.29 -16.52 6.75
C PRO A 183 3.66 -15.25 7.30
N VAL A 184 2.39 -15.05 6.98
CA VAL A 184 1.63 -13.95 7.57
C VAL A 184 1.45 -14.23 9.05
N SER A 185 1.90 -13.31 9.90
CA SER A 185 1.81 -13.55 11.35
C SER A 185 0.40 -13.33 11.88
N VAL A 186 -0.28 -12.28 11.43
CA VAL A 186 -1.66 -12.00 11.83
C VAL A 186 -2.41 -11.60 10.56
N GLU A 187 -3.44 -12.36 10.22
CA GLU A 187 -4.23 -12.10 9.01
C GLU A 187 -5.13 -10.87 9.24
N GLY A 188 -4.84 -9.79 8.53
CA GLY A 188 -5.57 -8.54 8.66
C GLY A 188 -4.97 -7.55 7.68
N TYR A 189 -3.94 -6.86 8.11
CA TYR A 189 -2.94 -6.36 7.19
C TYR A 189 -2.11 -7.54 6.67
N TRP A 190 -1.23 -7.26 5.72
CA TRP A 190 -0.21 -8.25 5.31
C TRP A 190 0.93 -8.13 6.31
N GLN A 191 0.68 -8.70 7.49
CA GLN A 191 1.52 -8.52 8.66
C GLN A 191 2.50 -9.68 8.78
N ILE A 192 3.74 -9.36 9.07
CA ILE A 192 4.81 -10.35 9.14
C ILE A 192 5.67 -10.03 10.37
N THR A 193 6.49 -11.00 10.76
CA THR A 193 7.43 -10.81 11.86
C THR A 193 8.80 -10.42 11.30
N LEU A 194 9.33 -9.29 11.76
CA LEU A 194 10.68 -8.88 11.47
C LEU A 194 11.59 -9.40 12.58
N ASP A 195 12.74 -9.94 12.20
CA ASP A 195 13.64 -10.52 13.18
C ASP A 195 14.61 -9.51 13.75
N SER A 196 15.12 -8.60 12.92
CA SER A 196 16.11 -7.62 13.35
C SER A 196 16.31 -6.59 12.25
N ILE A 197 16.83 -5.44 12.65
CA ILE A 197 17.31 -4.41 11.74
C ILE A 197 18.76 -4.12 12.14
N THR A 198 19.69 -4.29 11.20
CA THR A 198 21.10 -4.18 11.50
C THR A 198 21.79 -3.21 10.54
N MET A 199 22.93 -2.72 10.97
CA MET A 199 23.77 -1.84 10.16
C MET A 199 25.21 -2.10 10.55
N ASP A 200 26.04 -2.48 9.59
CA ASP A 200 27.43 -2.84 9.84
C ASP A 200 27.52 -3.92 10.92
N GLY A 201 26.66 -4.93 10.81
CA GLY A 201 26.67 -6.03 11.73
C GLY A 201 26.16 -5.75 13.13
N GLU A 202 25.68 -4.55 13.39
CA GLU A 202 25.17 -4.18 14.71
C GLU A 202 23.66 -4.04 14.64
N THR A 203 22.97 -4.57 15.64
CA THR A 203 21.53 -4.38 15.74
C THR A 203 21.22 -2.94 16.11
N ILE A 204 20.42 -2.25 15.28
CA ILE A 204 20.04 -0.87 15.55
C ILE A 204 18.58 -0.71 15.89
N ALA A 205 17.76 -1.73 15.70
CA ALA A 205 16.34 -1.64 16.06
C ALA A 205 15.77 -3.05 15.96
N CYS A 206 14.58 -3.23 16.54
CA CYS A 206 13.83 -4.47 16.46
C CYS A 206 14.63 -5.63 17.06
N SER A 207 15.35 -5.35 18.16
CA SER A 207 16.05 -6.42 18.85
C SER A 207 15.04 -7.37 19.47
N GLY A 208 15.19 -8.66 19.17
CA GLY A 208 14.26 -9.66 19.65
C GLY A 208 12.97 -9.77 18.86
N GLY A 209 12.88 -9.10 17.74
CA GLY A 209 11.73 -9.28 16.87
C GLY A 209 10.71 -8.17 17.01
N CYS A 210 9.97 -7.93 15.92
CA CYS A 210 8.98 -6.86 15.86
C CYS A 210 7.95 -7.25 14.82
N GLN A 211 6.81 -6.56 14.85
CA GLN A 211 5.74 -6.79 13.89
C GLN A 211 5.76 -5.70 12.83
N ALA A 212 5.54 -6.10 11.58
CA ALA A 212 5.55 -5.16 10.46
C ALA A 212 4.45 -5.55 9.48
N ILE A 213 4.03 -4.57 8.68
CA ILE A 213 3.10 -4.83 7.59
C ILE A 213 3.78 -4.37 6.30
N VAL A 214 3.46 -5.07 5.21
CA VAL A 214 3.95 -4.74 3.87
C VAL A 214 2.86 -3.92 3.21
N ASP A 215 3.13 -2.64 2.96
CA ASP A 215 2.08 -1.69 2.61
C ASP A 215 2.46 -0.84 1.40
N THR A 216 1.86 -1.15 0.26
CA THR A 216 2.07 -0.35 -0.94
C THR A 216 1.56 1.08 -0.76
N GLY A 217 0.58 1.28 0.12
CA GLY A 217 -0.04 2.57 0.31
C GLY A 217 0.71 3.54 1.20
N THR A 218 1.85 3.14 1.76
CA THR A 218 2.68 4.00 2.58
C THR A 218 3.95 4.32 1.81
N SER A 219 4.32 5.60 1.76
CA SER A 219 5.46 6.00 0.95
C SER A 219 6.77 5.61 1.61
N LEU A 220 6.86 5.81 2.92
CA LEU A 220 8.12 5.70 3.62
C LEU A 220 8.19 4.38 4.39
N LEU A 221 9.32 4.16 5.05
CA LEU A 221 9.50 3.04 5.96
C LEU A 221 9.32 3.59 7.37
N THR A 222 8.23 3.19 8.03
CA THR A 222 7.90 3.78 9.32
C THR A 222 8.05 2.75 10.43
N GLY A 223 8.36 3.26 11.61
CA GLY A 223 8.43 2.44 12.80
C GLY A 223 8.11 3.26 14.02
N PRO A 224 8.06 2.62 15.18
CA PRO A 224 7.83 3.36 16.42
C PRO A 224 8.79 4.53 16.54
N THR A 225 8.29 5.65 17.06
CA THR A 225 9.08 6.89 17.04
C THR A 225 10.41 6.70 17.75
N SER A 226 10.40 5.98 18.87
CA SER A 226 11.64 5.76 19.62
C SER A 226 12.69 5.06 18.77
N ALA A 227 12.32 3.93 18.17
CA ALA A 227 13.29 3.21 17.34
C ALA A 227 13.74 4.05 16.15
N ILE A 228 12.80 4.72 15.49
CA ILE A 228 13.16 5.50 14.31
C ILE A 228 14.13 6.62 14.69
N ALA A 229 13.91 7.23 15.86
CA ALA A 229 14.83 8.28 16.32
C ALA A 229 16.27 7.77 16.32
N ASN A 230 16.49 6.58 16.87
CA ASN A 230 17.83 6.01 16.88
C ASN A 230 18.35 5.82 15.47
N ILE A 231 17.48 5.35 14.56
CA ILE A 231 17.92 5.10 13.19
C ILE A 231 18.33 6.40 12.52
N GLN A 232 17.51 7.44 12.67
CA GLN A 232 17.86 8.72 12.07
C GLN A 232 19.25 9.19 12.54
N SER A 233 19.50 9.08 13.84
CA SER A 233 20.82 9.42 14.37
C SER A 233 21.89 8.51 13.77
N ASP A 234 21.57 7.21 13.62
CA ASP A 234 22.56 6.27 13.10
C ASP A 234 23.00 6.65 11.70
N ILE A 235 22.11 7.20 10.87
CA ILE A 235 22.45 7.53 9.49
C ILE A 235 22.83 8.99 9.31
N GLY A 236 22.66 9.83 10.33
CA GLY A 236 23.07 11.21 10.26
C GLY A 236 22.00 12.15 9.75
N ALA A 237 20.73 11.82 9.99
CA ALA A 237 19.62 12.68 9.61
C ALA A 237 19.17 13.48 10.82
N SER A 238 18.84 14.76 10.59
CA SER A 238 18.41 15.66 11.65
C SER A 238 17.29 16.55 11.16
N GLU A 239 16.35 16.86 12.06
CA GLU A 239 15.17 17.61 11.68
C GLU A 239 15.53 19.07 11.41
N ASN A 240 14.81 19.65 10.44
CA ASN A 240 15.06 20.99 9.94
C ASN A 240 14.26 22.01 10.74
N SER A 241 14.41 23.29 10.36
CA SER A 241 13.43 24.29 10.77
C SER A 241 12.06 23.97 10.21
N ASP A 242 12.01 23.40 9.00
CA ASP A 242 10.77 23.08 8.32
C ASP A 242 10.25 21.69 8.64
N GLY A 243 10.78 21.04 9.67
CA GLY A 243 10.33 19.70 10.04
C GLY A 243 10.76 18.60 9.10
N GLU A 244 11.70 18.86 8.20
CA GLU A 244 12.19 17.86 7.26
C GLU A 244 13.42 17.15 7.84
N MET A 245 13.45 15.83 7.70
CA MET A 245 14.56 15.02 8.19
C MET A 245 15.68 15.08 7.17
N VAL A 246 16.55 16.08 7.31
CA VAL A 246 17.57 16.36 6.30
C VAL A 246 18.78 15.46 6.52
N ILE A 247 19.40 15.07 5.42
CA ILE A 247 20.57 14.20 5.43
C ILE A 247 21.46 14.63 4.28
N SER A 248 22.78 14.56 4.51
CA SER A 248 23.72 14.95 3.47
C SER A 248 23.71 13.92 2.34
N CYS A 249 23.55 14.41 1.10
CA CYS A 249 23.57 13.51 -0.05
C CYS A 249 24.90 12.78 -0.17
N SER A 250 25.96 13.33 0.41
CA SER A 250 27.26 12.65 0.39
C SER A 250 27.18 11.29 1.06
N SER A 251 26.29 11.15 2.05
CA SER A 251 26.22 9.92 2.82
C SER A 251 25.69 8.74 1.99
N ILE A 252 25.03 9.01 0.86
CA ILE A 252 24.53 7.92 0.03
C ILE A 252 25.68 7.06 -0.45
N ASP A 253 26.87 7.66 -0.66
CA ASP A 253 28.02 6.92 -1.16
C ASP A 253 28.91 6.37 -0.06
N SER A 254 28.70 6.78 1.19
CA SER A 254 29.55 6.35 2.29
C SER A 254 28.86 5.46 3.31
N LEU A 255 27.55 5.56 3.46
CA LEU A 255 26.85 4.79 4.47
C LEU A 255 26.72 3.32 4.07
N PRO A 256 26.62 2.42 5.04
CA PRO A 256 26.40 1.02 4.73
C PRO A 256 24.90 0.72 4.58
N ASP A 257 24.62 -0.47 4.06
CA ASP A 257 23.25 -0.92 3.95
C ASP A 257 22.62 -1.05 5.34
N ILE A 258 21.31 -0.85 5.40
CA ILE A 258 20.49 -1.22 6.55
C ILE A 258 19.76 -2.50 6.18
N VAL A 259 19.88 -3.52 7.03
CA VAL A 259 19.49 -4.88 6.68
C VAL A 259 18.31 -5.29 7.55
N PHE A 260 17.23 -5.69 6.89
CA PHE A 260 16.04 -6.22 7.55
C PHE A 260 16.08 -7.74 7.44
N THR A 261 16.16 -8.43 8.57
CA THR A 261 16.09 -9.88 8.61
C THR A 261 14.65 -10.30 8.82
N ILE A 262 14.10 -11.03 7.86
CA ILE A 262 12.69 -11.42 7.84
C ILE A 262 12.66 -12.92 7.62
N ASN A 263 12.02 -13.65 8.53
CA ASN A 263 12.01 -15.10 8.51
C ASN A 263 13.41 -15.67 8.27
N GLY A 264 14.41 -15.05 8.91
CA GLY A 264 15.76 -15.54 8.87
C GLY A 264 16.55 -15.19 7.64
N VAL A 265 16.00 -14.39 6.72
CA VAL A 265 16.66 -14.03 5.48
C VAL A 265 16.92 -12.54 5.52
N GLN A 266 18.10 -12.12 5.04
CA GLN A 266 18.52 -10.74 5.10
C GLN A 266 18.05 -9.99 3.85
N TYR A 267 17.38 -8.86 4.06
CA TYR A 267 16.92 -7.99 2.98
C TYR A 267 17.57 -6.63 3.15
N PRO A 268 18.64 -6.34 2.40
CA PRO A 268 19.30 -5.04 2.54
C PRO A 268 18.57 -3.92 1.80
N LEU A 269 18.67 -2.73 2.38
CA LEU A 269 18.33 -1.48 1.71
C LEU A 269 19.61 -0.67 1.61
N SER A 270 20.02 -0.37 0.39
CA SER A 270 21.17 0.51 0.20
C SER A 270 20.79 1.93 0.58
N PRO A 271 21.78 2.77 0.93
CA PRO A 271 21.44 4.19 1.18
C PRO A 271 20.77 4.83 -0.01
N SER A 272 21.06 4.37 -1.23
CA SER A 272 20.33 4.83 -2.41
C SER A 272 18.83 4.58 -2.30
N ALA A 273 18.41 3.63 -1.47
CA ALA A 273 16.99 3.33 -1.27
C ALA A 273 16.41 4.07 -0.08
N TYR A 274 17.11 4.12 1.05
CA TYR A 274 16.54 4.69 2.25
C TYR A 274 16.91 6.15 2.45
N ILE A 275 17.63 6.74 1.48
CA ILE A 275 17.80 8.19 1.39
C ILE A 275 17.10 8.66 0.13
N LEU A 276 16.13 9.56 0.29
CA LEU A 276 15.43 10.15 -0.85
C LEU A 276 16.23 11.36 -1.34
N GLN A 277 16.34 11.49 -2.66
CA GLN A 277 17.15 12.52 -3.29
C GLN A 277 16.36 13.21 -4.38
N ASP A 278 16.39 14.54 -4.38
CA ASP A 278 15.74 15.33 -5.43
C ASP A 278 16.38 16.71 -5.54
N CYS A 282 18.37 16.06 0.03
CA CYS A 282 18.23 14.65 0.46
C CYS A 282 17.56 14.57 1.84
N THR A 283 16.65 13.60 1.99
CA THR A 283 15.91 13.42 3.22
C THR A 283 15.90 11.92 3.55
N SER A 284 15.46 11.61 4.77
CA SER A 284 15.43 10.24 5.23
C SER A 284 14.19 9.51 4.71
N GLY A 285 14.38 8.27 4.29
CA GLY A 285 13.26 7.41 3.96
C GLY A 285 12.56 6.81 5.13
N PHE A 286 13.04 7.06 6.34
CA PHE A 286 12.42 6.58 7.57
C PHE A 286 11.57 7.68 8.18
N GLU A 287 10.48 7.28 8.83
CA GLU A 287 9.59 8.21 9.49
C GLU A 287 9.05 7.56 10.76
N GLY A 288 9.06 8.33 11.85
CA GLY A 288 8.45 7.84 13.08
C GLY A 288 6.94 7.88 12.97
N MET A 289 6.30 6.75 13.27
CA MET A 289 4.83 6.68 13.30
C MET A 289 4.42 5.51 14.17
N ASP A 290 3.61 5.79 15.20
CA ASP A 290 3.26 4.78 16.19
C ASP A 290 1.93 4.16 15.81
N VAL A 291 1.91 2.83 15.66
CA VAL A 291 0.74 2.10 15.21
C VAL A 291 0.44 0.99 16.21
N PRO A 292 -0.26 1.30 17.30
CA PRO A 292 -0.50 0.27 18.33
C PRO A 292 -1.57 -0.71 17.92
N THR A 293 -1.34 -1.99 18.25
CA THR A 293 -2.32 -3.04 17.96
C THR A 293 -2.22 -4.13 19.03
N SER A 294 -3.13 -5.11 18.93
CA SER A 294 -3.09 -6.28 19.81
C SER A 294 -1.76 -7.00 19.76
N SER A 295 -1.07 -6.98 18.61
CA SER A 295 0.18 -7.68 18.41
C SER A 295 1.40 -6.86 18.82
N GLY A 296 1.21 -5.59 19.14
CA GLY A 296 2.33 -4.68 19.37
C GLY A 296 2.34 -3.58 18.32
N GLU A 297 3.28 -2.67 18.50
CA GLU A 297 3.43 -1.57 17.57
C GLU A 297 3.91 -2.10 16.22
N LEU A 298 3.27 -1.63 15.15
CA LEU A 298 3.59 -2.10 13.81
C LEU A 298 4.62 -1.18 13.16
N TRP A 299 5.65 -1.80 12.57
CA TRP A 299 6.45 -1.15 11.55
C TRP A 299 5.68 -1.24 10.22
N ILE A 300 5.97 -0.31 9.30
CA ILE A 300 5.36 -0.34 7.99
C ILE A 300 6.48 -0.36 6.97
N LEU A 301 6.59 -1.46 6.22
CA LEU A 301 7.50 -1.54 5.08
C LEU A 301 6.75 -0.99 3.89
N GLY A 302 6.87 0.31 3.69
CA GLY A 302 6.25 1.02 2.59
C GLY A 302 7.04 1.01 1.32
N ASP A 303 6.77 2.00 0.46
CA ASP A 303 7.32 1.99 -0.88
C ASP A 303 8.84 2.04 -0.89
N VAL A 304 9.44 2.67 0.12
CA VAL A 304 10.90 2.67 0.23
C VAL A 304 11.45 1.26 0.20
N PHE A 305 10.77 0.35 0.89
CA PHE A 305 11.19 -1.05 0.90
C PHE A 305 10.71 -1.78 -0.35
N ILE A 306 9.43 -1.65 -0.69
CA ILE A 306 8.85 -2.44 -1.76
C ILE A 306 9.47 -2.12 -3.11
N ARG A 307 9.91 -0.88 -3.31
CA ARG A 307 10.63 -0.57 -4.56
C ARG A 307 11.84 -1.48 -4.77
N GLN A 308 12.40 -2.00 -3.70
CA GLN A 308 13.58 -2.84 -3.81
C GLN A 308 13.25 -4.32 -3.91
N TYR A 309 12.03 -4.73 -3.56
CA TYR A 309 11.68 -6.14 -3.55
C TYR A 309 10.32 -6.36 -4.21
N TYR A 310 10.34 -7.06 -5.34
CA TYR A 310 9.13 -7.59 -5.94
C TYR A 310 8.40 -8.43 -4.90
N THR A 311 7.12 -8.15 -4.72
CA THR A 311 6.37 -8.71 -3.60
C THR A 311 5.17 -9.49 -4.10
N VAL A 312 5.02 -10.71 -3.61
CA VAL A 312 3.87 -11.56 -3.93
C VAL A 312 3.02 -11.67 -2.68
N PHE A 313 1.72 -11.45 -2.84
CA PHE A 313 0.74 -11.49 -1.76
C PHE A 313 -0.12 -12.73 -2.00
N ASP A 314 0.11 -13.77 -1.23
CA ASP A 314 -0.47 -15.11 -1.53
C ASP A 314 -1.54 -15.44 -0.52
N ARG A 315 -2.80 -15.31 -0.95
CA ARG A 315 -3.94 -15.66 -0.11
C ARG A 315 -4.23 -17.16 -0.08
N ALA A 316 -3.66 -17.93 -1.01
CA ALA A 316 -3.86 -19.38 -1.00
C ALA A 316 -3.18 -20.01 0.22
N ASN A 317 -1.99 -19.55 0.58
CA ASN A 317 -1.25 -20.10 1.71
C ASN A 317 -0.88 -19.06 2.75
N ASN A 318 -1.39 -17.83 2.64
CA ASN A 318 -1.18 -16.78 3.63
C ASN A 318 0.31 -16.53 3.87
N LYS A 319 0.99 -16.16 2.78
CA LYS A 319 2.41 -15.88 2.81
C LYS A 319 2.70 -14.68 1.93
N VAL A 320 3.79 -13.99 2.25
CA VAL A 320 4.34 -12.91 1.43
C VAL A 320 5.64 -13.42 0.82
N GLY A 321 5.76 -13.32 -0.50
CA GLY A 321 7.01 -13.64 -1.18
C GLY A 321 7.79 -12.39 -1.55
N LEU A 322 9.11 -12.47 -1.42
CA LEU A 322 10.00 -11.36 -1.70
C LEU A 322 11.20 -11.83 -2.51
N ALA A 323 11.60 -10.99 -3.47
CA ALA A 323 12.83 -11.16 -4.23
C ALA A 323 13.30 -9.81 -4.73
N PRO A 324 14.61 -9.64 -4.88
CA PRO A 324 15.13 -8.33 -5.33
C PRO A 324 14.62 -7.95 -6.70
N VAL A 325 14.22 -6.68 -6.86
CA VAL A 325 13.74 -6.23 -8.16
C VAL A 325 14.83 -6.37 -9.22
N ALA A 326 14.40 -6.53 -10.47
CA ALA A 326 15.35 -6.67 -11.57
C ALA A 326 16.19 -5.40 -11.71
C1 478 B . -6.81 1.04 9.39
C2 478 B . -8.36 0.79 7.64
C3 478 B . -5.04 2.24 7.09
C4 478 B . -7.09 1.60 7.98
C5 478 B . -2.94 2.72 5.97
C6 478 B . -2.73 2.81 4.45
C7 478 B . -1.71 2.20 6.74
C8 478 B . -1.96 2.18 8.24
C9 478 B . -1.81 3.34 9.00
C10 478 B . -2.36 1.02 8.88
C11 478 B . -2.04 3.32 10.36
C12 478 B . -2.59 1.00 10.24
C13 478 B . -2.44 2.16 10.98
C14 478 B . -1.78 3.93 4.10
C15 478 B . -2.51 5.94 2.84
C16 478 B . -3.91 5.91 2.27
C17 478 B . -0.85 7.50 4.79
C18 478 B . 0.50 7.25 4.66
C19 478 B . 1.34 8.24 4.16
C20 478 B . 0.83 9.48 3.79
C21 478 B . -0.55 9.72 3.92
C22 478 B . -1.38 8.73 4.42
C23 478 B . -4.71 4.69 2.65
C24 478 B . -3.78 6.01 0.74
C25 478 B . -7.91 -0.58 8.10
N1 478 B . -4.09 1.88 6.24
N2 478 B . -2.34 5.29 4.15
N3 478 B . 1.65 10.46 3.30
O1 478 B . -6.01 1.28 7.14
O2 478 B . -5.06 3.27 7.77
O3 478 B . -2.15 1.61 3.94
O4 478 B . -1.22 5.45 6.35
O5 478 B . -3.16 6.88 5.81
O6 478 B . -7.11 -0.36 9.29
S1 478 B . -1.94 6.25 5.41
H11A 478 B . -7.39 1.47 10.06
H12A 478 B . -5.88 1.17 9.65
H21A 478 B . -8.56 0.82 6.68
H22A 478 B . -9.14 1.12 8.15
H4 478 B . -7.23 2.57 7.92
H5 478 B . -3.11 3.63 6.29
H6 478 B . -3.62 2.92 4.03
H71 478 B . -0.94 2.77 6.55
H72 478 B . -1.50 1.29 6.43
H9 478 B . -1.54 4.14 8.58
H10 478 B . -2.46 0.22 8.38
H11 478 B . -1.93 4.11 10.87
H12 478 B . -2.87 0.20 10.67
H13 478 B . -2.61 2.15 11.91
H141 478 B . -1.44 3.78 3.19
H142 478 B . -1.02 3.90 4.71
H151 478 B . -2.24 6.87 2.92
H152 478 B . -1.92 5.51 2.20
H16 478 B . -4.41 6.66 2.66
H18 478 B . 0.85 6.40 4.90
H19 478 B . 2.25 8.07 4.08
H21 478 B . -0.90 10.55 3.66
H22 478 B . -2.30 8.90 4.51
H231 478 B . -5.62 4.80 2.34
H232 478 B . -4.71 4.60 3.62
H233 478 B . -4.31 3.90 2.25
H241 478 B . -3.36 5.20 0.40
H242 478 B . -3.23 6.77 0.51
H243 478 B . -4.66 6.10 0.34
H251 478 B . -7.38 -1.02 7.40
H252 478 B . -8.69 -1.15 8.31
HN1 478 B . -4.16 1.11 5.84
HN31 478 B . 1.32 11.24 3.07
HN32 478 B . 2.52 10.31 3.22
HO3 478 B . -2.70 0.98 4.02
#